data_3T6P
#
_entry.id   3T6P
#
_cell.length_a   37.971
_cell.length_b   85.432
_cell.length_c   106.484
_cell.angle_alpha   90.000
_cell.angle_beta   90.000
_cell.angle_gamma   90.000
#
_symmetry.space_group_name_H-M   'P 21 21 21'
#
loop_
_entity.id
_entity.type
_entity.pdbx_description
1 polymer 'Baculoviral IAP repeat-containing protein 2'
2 non-polymer 'ZINC ION'
3 water water
#
_entity_poly.entity_id   1
_entity_poly.type   'polypeptide(L)'
_entity_poly.pdbx_seq_one_letter_code
;GSMQTHAARMRTFMYWPSSVPVQPEQLASAGFYYVGRNDDVKCFSCDGGLRCWESGDDPWVEHAKWFPRCEFLIRMKGQE
FVDEIQGRYPHLLEQLLSTPPIIHYGPGESSSEDAVMMNTPVVKSALEMGFNRDLVKQTVQSKILTTGENYKTVNDIVSA
LLNAEDEKREEEKEKQAEEMASDDLSLIRKNRMALFQQLTCVLPILDNLLKANVINKQEHDIIKQKTQIPLQARELIDTI
LVKGNAAANIFKNSLKEIDSTLYKNLFVDKNMKYIPTEDVSGLSLEEQLRRLQEERTCKVCMDKEVSVVFIPCGHLVVCQ
ECAPSLRKCPICRGIIKGTVRTFLS
;
_entity_poly.pdbx_strand_id   A
#
# COMPACT_ATOMS: atom_id res chain seq x y z
N GLY A 1 -25.20 -7.89 -3.88
CA GLY A 1 -25.82 -6.67 -3.38
C GLY A 1 -26.27 -6.81 -1.93
N SER A 2 -25.82 -7.87 -1.27
CA SER A 2 -26.24 -8.16 0.10
C SER A 2 -25.83 -7.09 1.12
N MET A 3 -24.85 -6.25 0.79
CA MET A 3 -24.42 -5.21 1.74
C MET A 3 -25.05 -3.84 1.46
N GLN A 4 -26.08 -3.81 0.60
CA GLN A 4 -26.72 -2.54 0.25
C GLN A 4 -27.62 -1.97 1.36
N THR A 5 -28.09 -2.80 2.28
CA THR A 5 -28.88 -2.29 3.41
C THR A 5 -28.07 -1.97 4.67
N HIS A 6 -28.51 -0.95 5.40
CA HIS A 6 -27.85 -0.56 6.64
C HIS A 6 -27.90 -1.73 7.63
N ALA A 7 -29.03 -2.43 7.68
CA ALA A 7 -29.17 -3.54 8.60
C ALA A 7 -28.14 -4.65 8.33
N ALA A 8 -27.91 -4.96 7.05
CA ALA A 8 -26.93 -5.98 6.69
C ALA A 8 -25.51 -5.56 7.06
N ARG A 9 -25.19 -4.30 6.81
CA ARG A 9 -23.88 -3.79 7.16
C ARG A 9 -23.64 -3.82 8.67
N MET A 10 -24.66 -3.47 9.45
CA MET A 10 -24.49 -3.47 10.91
C MET A 10 -24.18 -4.87 11.46
N ARG A 11 -24.83 -5.88 10.90
CA ARG A 11 -24.62 -7.25 11.34
C ARG A 11 -23.14 -7.64 11.16
N THR A 12 -22.49 -7.19 10.09
CA THR A 12 -21.08 -7.52 9.88
C THR A 12 -20.19 -7.03 11.02
N PHE A 13 -20.60 -5.96 11.69
CA PHE A 13 -19.76 -5.39 12.75
C PHE A 13 -19.84 -6.18 14.05
N MET A 14 -20.46 -7.36 14.02
CA MET A 14 -20.54 -8.15 15.23
CA MET A 14 -20.55 -8.26 15.16
C MET A 14 -19.15 -8.63 15.62
N TYR A 15 -18.27 -8.82 14.62
CA TYR A 15 -16.91 -9.28 14.85
C TYR A 15 -15.93 -8.13 15.03
N TRP A 16 -16.44 -6.90 14.87
CA TRP A 16 -15.62 -5.69 14.92
C TRP A 16 -14.95 -5.52 16.27
N PRO A 17 -13.66 -5.15 16.28
CA PRO A 17 -12.94 -4.98 17.54
C PRO A 17 -13.50 -3.83 18.36
N SER A 18 -13.89 -4.16 19.59
CA SER A 18 -14.55 -3.24 20.50
C SER A 18 -13.65 -2.07 20.89
N SER A 19 -12.34 -2.25 20.79
CA SER A 19 -11.39 -1.23 21.18
C SER A 19 -11.23 -0.10 20.16
N VAL A 20 -11.65 -0.32 18.91
CA VAL A 20 -11.54 0.74 17.91
C VAL A 20 -12.52 1.87 18.25
N PRO A 21 -12.02 3.11 18.37
CA PRO A 21 -12.88 4.21 18.81
C PRO A 21 -13.98 4.58 17.81
N VAL A 22 -13.81 4.20 16.55
CA VAL A 22 -14.83 4.48 15.55
C VAL A 22 -15.91 3.42 15.61
N GLN A 23 -17.16 3.85 15.81
CA GLN A 23 -18.24 2.92 16.13
C GLN A 23 -18.92 2.36 14.89
N PRO A 24 -19.43 1.13 14.99
CA PRO A 24 -20.09 0.47 13.87
C PRO A 24 -21.16 1.32 13.22
N GLU A 25 -21.95 2.04 14.01
CA GLU A 25 -23.04 2.86 13.48
C GLU A 25 -22.54 3.95 12.51
N GLN A 26 -21.45 4.61 12.88
CA GLN A 26 -20.83 5.66 12.05
CA GLN A 26 -20.92 5.66 12.02
C GLN A 26 -20.36 5.10 10.71
N LEU A 27 -19.69 3.95 10.79
CA LEU A 27 -19.16 3.32 9.58
C LEU A 27 -20.27 2.82 8.66
N ALA A 28 -21.23 2.11 9.25
CA ALA A 28 -22.27 1.52 8.46
C ALA A 28 -23.10 2.59 7.75
N SER A 29 -23.35 3.71 8.44
CA SER A 29 -24.13 4.81 7.86
C SER A 29 -23.39 5.43 6.67
N ALA A 30 -22.07 5.33 6.70
CA ALA A 30 -21.23 5.90 5.64
C ALA A 30 -21.03 4.91 4.50
N GLY A 31 -21.68 3.76 4.58
CA GLY A 31 -21.71 2.79 3.49
C GLY A 31 -20.75 1.63 3.64
N PHE A 32 -20.00 1.60 4.74
CA PHE A 32 -18.95 0.62 4.93
C PHE A 32 -19.47 -0.62 5.66
N TYR A 33 -18.97 -1.78 5.29
CA TYR A 33 -19.23 -3.00 6.06
C TYR A 33 -17.90 -3.64 6.43
N TYR A 34 -17.92 -4.47 7.46
CA TYR A 34 -16.71 -5.11 7.97
C TYR A 34 -16.39 -6.34 7.16
N VAL A 35 -15.18 -6.41 6.61
CA VAL A 35 -14.84 -7.52 5.73
C VAL A 35 -14.41 -8.75 6.54
N GLY A 36 -14.13 -8.57 7.82
CA GLY A 36 -13.94 -9.70 8.72
C GLY A 36 -12.53 -9.90 9.27
N ARG A 37 -11.60 -9.05 8.87
CA ARG A 37 -10.22 -9.17 9.36
C ARG A 37 -9.81 -7.84 9.93
N ASN A 38 -9.10 -7.85 11.06
CA ASN A 38 -8.65 -6.61 11.67
C ASN A 38 -9.78 -5.59 11.73
N ASP A 39 -9.54 -4.38 11.23
CA ASP A 39 -10.60 -3.38 11.18
C ASP A 39 -10.79 -2.91 9.74
N ASP A 40 -10.66 -3.85 8.82
CA ASP A 40 -10.82 -3.58 7.39
C ASP A 40 -12.28 -3.44 7.02
N VAL A 41 -12.61 -2.34 6.32
CA VAL A 41 -13.97 -2.12 5.85
C VAL A 41 -14.00 -1.79 4.35
N LYS A 42 -15.16 -2.01 3.73
CA LYS A 42 -15.33 -1.69 2.31
C LYS A 42 -16.66 -1.00 2.13
N CYS A 43 -16.75 -0.15 1.11
CA CYS A 43 -18.03 0.47 0.78
C CYS A 43 -18.82 -0.48 -0.15
N PHE A 44 -20.12 -0.61 0.09
CA PHE A 44 -20.95 -1.50 -0.73
C PHE A 44 -21.16 -0.95 -2.13
N SER A 45 -20.99 0.36 -2.28
CA SER A 45 -21.28 1.02 -3.55
C SER A 45 -20.05 1.13 -4.45
N CYS A 46 -18.97 1.70 -3.92
CA CYS A 46 -17.78 1.98 -4.73
C CYS A 46 -16.65 0.95 -4.54
N ASP A 47 -16.82 0.07 -3.54
CA ASP A 47 -15.82 -0.94 -3.19
C ASP A 47 -14.48 -0.36 -2.66
N GLY A 48 -14.47 0.92 -2.32
CA GLY A 48 -13.30 1.51 -1.70
C GLY A 48 -13.02 0.84 -0.36
N GLY A 49 -11.75 0.61 -0.04
CA GLY A 49 -11.39 -0.05 1.20
C GLY A 49 -10.55 0.85 2.11
N LEU A 50 -10.81 0.79 3.42
CA LEU A 50 -10.05 1.55 4.41
C LEU A 50 -9.84 0.71 5.67
N ARG A 51 -8.65 0.84 6.27
CA ARG A 51 -8.28 0.04 7.42
C ARG A 51 -7.61 0.95 8.46
N CYS A 52 -7.30 0.40 9.63
CA CYS A 52 -6.51 1.14 10.61
C CYS A 52 -7.16 2.49 10.98
N TRP A 53 -8.40 2.41 11.47
CA TRP A 53 -9.17 3.57 11.93
C TRP A 53 -8.66 4.05 13.28
N GLU A 54 -8.66 5.37 13.48
CA GLU A 54 -8.21 5.95 14.74
C GLU A 54 -9.24 6.91 15.33
N SER A 55 -9.09 7.19 16.61
CA SER A 55 -9.93 8.14 17.32
C SER A 55 -10.02 9.47 16.58
N GLY A 56 -11.24 9.96 16.38
CA GLY A 56 -11.43 11.24 15.71
C GLY A 56 -11.74 11.11 14.22
N ASP A 57 -11.53 9.93 13.64
CA ASP A 57 -11.80 9.71 12.21
C ASP A 57 -13.29 9.79 11.94
N ASP A 58 -13.69 10.53 10.91
CA ASP A 58 -15.09 10.64 10.49
C ASP A 58 -15.24 9.86 9.18
N PRO A 59 -15.97 8.73 9.20
CA PRO A 59 -16.04 7.86 8.01
C PRO A 59 -16.58 8.56 6.76
N TRP A 60 -17.50 9.50 6.94
CA TRP A 60 -17.99 10.24 5.76
C TRP A 60 -16.87 11.07 5.12
N VAL A 61 -16.09 11.76 5.94
CA VAL A 61 -15.03 12.58 5.43
C VAL A 61 -13.94 11.74 4.75
N GLU A 62 -13.60 10.61 5.35
CA GLU A 62 -12.55 9.78 4.75
C GLU A 62 -13.06 9.17 3.44
N HIS A 63 -14.37 8.88 3.42
CA HIS A 63 -14.99 8.34 2.21
C HIS A 63 -14.80 9.31 1.03
N ALA A 64 -15.00 10.60 1.30
CA ALA A 64 -14.93 11.63 0.27
C ALA A 64 -13.50 11.97 -0.11
N LYS A 65 -12.58 11.82 0.84
CA LYS A 65 -11.18 12.07 0.55
C LYS A 65 -10.67 11.11 -0.50
N TRP A 66 -11.05 9.84 -0.38
CA TRP A 66 -10.41 8.80 -1.18
C TRP A 66 -11.27 8.27 -2.32
N PHE A 67 -12.59 8.37 -2.17
CA PHE A 67 -13.51 7.77 -3.13
C PHE A 67 -14.59 8.76 -3.59
N PRO A 68 -14.16 9.90 -4.15
CA PRO A 68 -15.08 11.01 -4.39
C PRO A 68 -16.11 10.72 -5.48
N ARG A 69 -15.89 9.70 -6.30
CA ARG A 69 -16.85 9.39 -7.36
C ARG A 69 -17.91 8.36 -6.95
N CYS A 70 -17.86 7.93 -5.70
CA CYS A 70 -18.81 6.92 -5.22
C CYS A 70 -20.26 7.42 -5.32
N GLU A 71 -21.13 6.66 -5.97
CA GLU A 71 -22.52 7.07 -6.12
C GLU A 71 -23.29 7.19 -4.80
N PHE A 72 -22.98 6.32 -3.84
CA PHE A 72 -23.67 6.36 -2.54
C PHE A 72 -23.31 7.64 -1.78
N LEU A 73 -22.01 7.89 -1.68
CA LEU A 73 -21.49 9.11 -1.07
C LEU A 73 -22.18 10.34 -1.66
N ILE A 74 -22.19 10.45 -2.99
CA ILE A 74 -22.76 11.61 -3.66
C ILE A 74 -24.23 11.76 -3.35
N ARG A 75 -24.96 10.65 -3.40
CA ARG A 75 -26.39 10.66 -3.08
C ARG A 75 -26.68 11.06 -1.64
N MET A 76 -25.89 10.55 -0.70
CA MET A 76 -26.15 10.78 0.71
C MET A 76 -25.64 12.13 1.22
N LYS A 77 -24.50 12.59 0.70
CA LYS A 77 -23.87 13.79 1.24
C LYS A 77 -23.95 14.99 0.30
N GLY A 78 -24.13 14.74 -0.98
CA GLY A 78 -24.27 15.81 -1.96
C GLY A 78 -22.94 16.14 -2.63
N GLN A 79 -22.99 16.63 -3.87
CA GLN A 79 -21.77 16.91 -4.59
C GLN A 79 -20.96 18.02 -3.91
N GLU A 80 -21.67 18.98 -3.31
CA GLU A 80 -21.00 20.09 -2.63
C GLU A 80 -20.08 19.61 -1.54
N PHE A 81 -20.58 18.70 -0.70
CA PHE A 81 -19.78 18.13 0.36
C PHE A 81 -18.54 17.42 -0.22
N VAL A 82 -18.71 16.69 -1.30
CA VAL A 82 -17.57 15.98 -1.89
C VAL A 82 -16.53 16.97 -2.45
N ASP A 83 -17.00 17.96 -3.21
CA ASP A 83 -16.13 19.02 -3.72
C ASP A 83 -15.42 19.78 -2.58
N GLU A 84 -16.13 20.03 -1.48
CA GLU A 84 -15.55 20.71 -0.33
C GLU A 84 -14.35 19.94 0.23
N ILE A 85 -14.57 18.67 0.53
CA ILE A 85 -13.52 17.79 1.03
C ILE A 85 -12.35 17.66 0.04
N GLN A 86 -12.67 17.52 -1.24
CA GLN A 86 -11.64 17.39 -2.27
C GLN A 86 -10.84 18.68 -2.38
N GLY A 87 -11.49 19.81 -2.13
CA GLY A 87 -10.82 21.10 -2.15
C GLY A 87 -9.90 21.27 -0.95
N ARG A 88 -10.35 20.77 0.20
CA ARG A 88 -9.59 20.92 1.46
C ARG A 88 -8.38 19.98 1.53
N TYR A 89 -8.52 18.81 0.90
CA TYR A 89 -7.48 17.77 0.86
C TYR A 89 -7.21 17.33 -0.60
N PRO A 90 -6.66 18.22 -1.40
CA PRO A 90 -6.54 17.94 -2.85
C PRO A 90 -5.45 16.93 -3.16
N HIS A 91 -5.71 16.07 -4.14
CA HIS A 91 -4.67 15.24 -4.76
C HIS A 91 -3.96 14.28 -3.79
N LEU A 92 -4.72 13.69 -2.88
CA LEU A 92 -4.16 12.76 -1.91
C LEU A 92 -3.54 11.53 -2.56
N LEU A 93 -4.21 11.00 -3.58
CA LEU A 93 -3.71 9.80 -4.25
C LEU A 93 -2.42 10.10 -5.01
N GLU A 94 -2.42 11.17 -5.78
CA GLU A 94 -1.27 11.48 -6.63
C GLU A 94 -0.04 11.64 -5.79
N GLN A 95 -0.19 12.25 -4.61
CA GLN A 95 0.92 12.44 -3.69
C GLN A 95 1.54 11.09 -3.33
N LEU A 96 0.71 10.07 -3.15
CA LEU A 96 1.22 8.74 -2.83
C LEU A 96 2.11 8.20 -3.95
N LEU A 97 1.78 8.53 -5.19
CA LEU A 97 2.51 8.00 -6.34
C LEU A 97 3.88 8.66 -6.47
N SER A 98 4.04 9.83 -5.85
CA SER A 98 5.28 10.59 -5.87
C SER A 98 6.20 10.27 -4.69
N THR A 99 5.60 10.08 -3.50
CA THR A 99 6.34 9.75 -2.29
C THR A 99 7.77 10.30 -2.28
N GLU A 113 16.23 15.95 12.98
CA GLU A 113 14.95 15.84 12.28
C GLU A 113 13.79 16.35 13.13
N ASP A 114 13.52 17.65 13.02
CA ASP A 114 12.49 18.31 13.80
C ASP A 114 11.51 19.06 12.89
N ALA A 115 10.65 18.30 12.20
CA ALA A 115 9.76 18.87 11.21
C ALA A 115 8.60 19.65 11.81
N VAL A 116 7.97 20.49 10.99
CA VAL A 116 6.77 21.19 11.40
C VAL A 116 5.73 20.24 12.01
N MET A 117 5.58 19.05 11.43
CA MET A 117 4.56 18.13 11.93
C MET A 117 4.82 17.70 13.37
N MET A 118 6.08 17.81 13.81
CA MET A 118 6.47 17.38 15.16
C MET A 118 6.37 18.50 16.17
N ASN A 119 5.89 19.65 15.72
CA ASN A 119 5.90 20.84 16.56
C ASN A 119 4.56 21.53 16.76
N THR A 120 3.47 20.85 16.40
CA THR A 120 2.14 21.36 16.70
C THR A 120 1.88 21.25 18.21
N PRO A 121 0.97 22.08 18.73
CA PRO A 121 0.60 21.99 20.15
C PRO A 121 0.23 20.56 20.58
N VAL A 122 -0.58 19.90 19.75
CA VAL A 122 -1.01 18.54 20.06
C VAL A 122 0.15 17.56 20.16
N VAL A 123 1.07 17.62 19.21
CA VAL A 123 2.18 16.67 19.20
C VAL A 123 3.17 16.95 20.31
N LYS A 124 3.43 18.23 20.57
CA LYS A 124 4.26 18.58 21.72
C LYS A 124 3.65 18.08 23.04
N SER A 125 2.34 18.23 23.20
CA SER A 125 1.68 17.73 24.40
C SER A 125 1.95 16.23 24.55
N ALA A 126 1.89 15.49 23.45
CA ALA A 126 2.18 14.05 23.52
C ALA A 126 3.64 13.80 23.89
N LEU A 127 4.56 14.52 23.27
CA LEU A 127 5.96 14.38 23.62
C LEU A 127 6.20 14.70 25.10
N GLU A 128 5.54 15.74 25.60
CA GLU A 128 5.75 16.13 27.00
C GLU A 128 5.21 15.09 28.00
N MET A 129 4.38 14.17 27.53
CA MET A 129 3.89 13.09 28.41
C MET A 129 4.89 11.95 28.46
N GLY A 130 5.87 11.97 27.56
CA GLY A 130 6.93 10.95 27.56
C GLY A 130 6.87 9.92 26.44
N PHE A 131 5.94 10.08 25.51
CA PHE A 131 5.86 9.14 24.37
C PHE A 131 7.17 9.11 23.60
N ASN A 132 7.59 7.93 23.17
CA ASN A 132 8.82 7.78 22.39
C ASN A 132 8.80 8.67 21.14
N ARG A 133 9.87 9.44 20.93
CA ARG A 133 9.88 10.39 19.81
C ARG A 133 9.80 9.72 18.43
N ASP A 134 10.48 8.59 18.24
CA ASP A 134 10.40 7.89 16.95
C ASP A 134 9.01 7.35 16.68
N LEU A 135 8.38 6.80 17.73
CA LEU A 135 7.02 6.31 17.60
C LEU A 135 6.09 7.45 17.17
N VAL A 136 6.21 8.61 17.83
CA VAL A 136 5.39 9.76 17.48
C VAL A 136 5.61 10.17 16.01
N LYS A 137 6.87 10.20 15.59
CA LYS A 137 7.20 10.55 14.21
C LYS A 137 6.54 9.62 13.21
N GLN A 138 6.69 8.32 13.40
CA GLN A 138 6.11 7.36 12.45
C GLN A 138 4.59 7.47 12.43
N THR A 139 4.00 7.66 13.61
CA THR A 139 2.55 7.71 13.71
C THR A 139 1.99 8.98 13.09
N VAL A 140 2.68 10.10 13.34
CA VAL A 140 2.29 11.38 12.73
C VAL A 140 2.46 11.34 11.20
N GLN A 141 3.57 10.80 10.72
CA GLN A 141 3.80 10.71 9.29
CA GLN A 141 3.82 10.69 9.29
C GLN A 141 2.71 9.87 8.63
N SER A 142 2.37 8.75 9.25
CA SER A 142 1.35 7.88 8.69
C SER A 142 0.00 8.59 8.63
N LYS A 143 -0.31 9.30 9.71
CA LYS A 143 -1.58 10.02 9.81
C LYS A 143 -1.70 11.04 8.67
N ILE A 144 -0.62 11.78 8.43
CA ILE A 144 -0.67 12.82 7.38
C ILE A 144 -0.78 12.22 5.97
N LEU A 145 -0.05 11.15 5.71
CA LEU A 145 -0.11 10.49 4.40
C LEU A 145 -1.47 9.83 4.13
N THR A 146 -2.08 9.24 5.16
CA THR A 146 -3.35 8.55 4.98
C THR A 146 -4.59 9.42 5.10
N THR A 147 -4.47 10.59 5.73
CA THR A 147 -5.65 11.44 5.97
C THR A 147 -5.48 12.89 5.53
N GLY A 148 -4.27 13.27 5.16
CA GLY A 148 -4.01 14.64 4.70
C GLY A 148 -3.88 15.68 5.81
N GLU A 149 -4.02 15.27 7.07
CA GLU A 149 -3.92 16.22 8.20
C GLU A 149 -3.27 15.60 9.44
N ASN A 150 -2.79 16.47 10.34
CA ASN A 150 -2.17 16.03 11.60
C ASN A 150 -3.26 15.78 12.64
N TYR A 151 -2.88 15.38 13.85
CA TYR A 151 -3.84 15.09 14.91
C TYR A 151 -4.56 16.34 15.42
N LYS A 152 -5.87 16.23 15.64
CA LYS A 152 -6.68 17.39 15.99
C LYS A 152 -6.75 17.68 17.49
N THR A 153 -6.62 16.65 18.31
CA THR A 153 -6.71 16.82 19.76
C THR A 153 -5.75 15.88 20.45
N VAL A 154 -5.41 16.22 21.70
CA VAL A 154 -4.54 15.38 22.51
C VAL A 154 -5.12 13.99 22.78
N ASN A 155 -6.42 13.93 23.05
CA ASN A 155 -7.07 12.64 23.23
C ASN A 155 -6.92 11.76 21.99
N ASP A 156 -7.05 12.33 20.81
CA ASP A 156 -6.90 11.56 19.57
C ASP A 156 -5.48 11.01 19.43
N ILE A 157 -4.46 11.86 19.60
CA ILE A 157 -3.09 11.39 19.37
C ILE A 157 -2.66 10.40 20.45
N VAL A 158 -3.08 10.62 21.68
CA VAL A 158 -2.73 9.68 22.74
C VAL A 158 -3.32 8.31 22.44
N SER A 159 -4.58 8.30 21.99
CA SER A 159 -5.23 7.03 21.62
C SER A 159 -4.54 6.37 20.42
N ALA A 160 -4.22 7.14 19.38
CA ALA A 160 -3.49 6.61 18.22
C ALA A 160 -2.10 6.07 18.59
N LEU A 161 -1.39 6.77 19.49
CA LEU A 161 -0.05 6.37 19.89
C LEU A 161 -0.07 5.06 20.69
N LEU A 162 -1.04 4.92 21.60
CA LEU A 162 -1.18 3.67 22.33
C LEU A 162 -1.46 2.53 21.37
N ASN A 163 -2.36 2.75 20.40
CA ASN A 163 -2.66 1.72 19.42
C ASN A 163 -1.43 1.39 18.57
N ALA A 164 -0.69 2.43 18.18
CA ALA A 164 0.53 2.24 17.39
C ALA A 164 1.57 1.40 18.13
N GLU A 165 1.74 1.64 19.44
CA GLU A 165 2.64 0.86 20.30
CA GLU A 165 2.70 0.84 20.19
C GLU A 165 2.28 -0.63 20.29
N ASP A 166 0.99 -0.90 20.39
CA ASP A 166 0.54 -2.29 20.37
C ASP A 166 0.82 -2.94 19.00
N GLU A 167 0.60 -2.19 17.93
CA GLU A 167 0.83 -2.72 16.59
C GLU A 167 2.31 -3.02 16.38
N LYS A 168 3.17 -2.14 16.87
CA LYS A 168 4.60 -2.35 16.77
C LYS A 168 5.00 -3.64 17.51
N ARG A 169 4.37 -3.89 18.65
CA ARG A 169 4.69 -5.10 19.43
C ARG A 169 4.28 -6.34 18.65
N GLU A 170 3.11 -6.26 18.01
CA GLU A 170 2.62 -7.35 17.17
C GLU A 170 3.57 -7.60 15.99
N GLU A 171 3.98 -6.52 15.33
CA GLU A 171 4.92 -6.60 14.22
C GLU A 171 6.20 -7.30 14.66
N GLU A 172 6.68 -6.99 15.86
CA GLU A 172 7.86 -7.63 16.38
C GLU A 172 7.68 -9.14 16.38
N LYS A 173 6.67 -9.61 17.09
CA LYS A 173 6.37 -11.04 17.17
C LYS A 173 6.26 -11.69 15.80
N GLU A 174 5.61 -10.99 14.86
CA GLU A 174 5.43 -11.50 13.52
C GLU A 174 6.78 -11.66 12.84
N LYS A 175 7.44 -10.52 12.60
CA LYS A 175 8.71 -10.51 11.89
C LYS A 175 9.67 -11.54 12.49
N GLN A 176 9.57 -11.72 13.80
CA GLN A 176 10.44 -12.65 14.51
C GLN A 176 10.02 -14.13 14.38
N ALA A 177 8.81 -14.39 13.89
CA ALA A 177 8.33 -15.76 13.71
C ALA A 177 8.40 -16.24 12.25
N GLU A 178 8.65 -15.32 11.33
CA GLU A 178 8.73 -15.62 9.90
C GLU A 178 10.17 -15.57 9.42
N GLU A 179 10.43 -16.22 8.29
CA GLU A 179 11.76 -16.18 7.70
C GLU A 179 12.14 -14.77 7.30
N MET A 180 13.32 -14.38 7.74
CA MET A 180 13.88 -13.07 7.49
C MET A 180 14.24 -12.86 6.01
N ALA A 181 13.99 -11.67 5.49
CA ALA A 181 14.47 -11.32 4.15
C ALA A 181 16.00 -11.43 4.10
N SER A 182 16.52 -12.04 3.04
CA SER A 182 17.97 -12.15 2.86
C SER A 182 18.60 -10.82 2.47
N ASP A 183 19.92 -10.72 2.54
CA ASP A 183 20.61 -9.54 2.03
C ASP A 183 20.28 -9.34 0.55
N ASP A 184 20.26 -10.43 -0.21
CA ASP A 184 20.00 -10.33 -1.65
C ASP A 184 18.59 -9.80 -1.94
N LEU A 185 17.59 -10.31 -1.23
CA LEU A 185 16.24 -9.79 -1.42
C LEU A 185 16.20 -8.31 -1.07
N SER A 186 16.83 -7.93 0.04
CA SER A 186 16.79 -6.53 0.46
C SER A 186 17.46 -5.60 -0.57
N LEU A 187 18.55 -6.06 -1.16
CA LEU A 187 19.24 -5.26 -2.18
C LEU A 187 18.36 -5.05 -3.42
N ILE A 188 17.67 -6.09 -3.85
CA ILE A 188 16.79 -5.99 -5.02
C ILE A 188 15.67 -5.01 -4.70
N ARG A 189 15.11 -5.15 -3.50
CA ARG A 189 14.04 -4.27 -3.07
C ARG A 189 14.49 -2.81 -3.04
N LYS A 190 15.68 -2.54 -2.50
CA LYS A 190 16.14 -1.17 -2.38
C LYS A 190 16.45 -0.53 -3.73
N ASN A 191 16.70 -1.37 -4.73
CA ASN A 191 17.06 -0.90 -6.07
C ASN A 191 15.98 -1.22 -7.11
N ARG A 192 14.75 -1.39 -6.64
CA ARG A 192 13.63 -1.71 -7.51
C ARG A 192 13.55 -0.82 -8.75
N MET A 193 13.52 0.50 -8.55
CA MET A 193 13.31 1.41 -9.68
C MET A 193 14.49 1.40 -10.65
N ALA A 194 15.70 1.37 -10.11
CA ALA A 194 16.89 1.32 -10.94
C ALA A 194 16.86 0.08 -11.82
N LEU A 195 16.43 -1.05 -11.26
CA LEU A 195 16.34 -2.29 -12.01
C LEU A 195 15.23 -2.28 -13.07
N PHE A 196 14.08 -1.68 -12.74
CA PHE A 196 13.01 -1.53 -13.71
C PHE A 196 13.59 -0.88 -14.95
N GLN A 197 14.48 0.08 -14.72
CA GLN A 197 15.02 0.92 -15.76
C GLN A 197 16.18 0.29 -16.55
N GLN A 198 16.98 -0.55 -15.87
CA GLN A 198 18.25 -0.98 -16.45
C GLN A 198 18.36 -2.45 -16.81
N LEU A 199 17.46 -3.28 -16.30
CA LEU A 199 17.47 -4.70 -16.62
C LEU A 199 16.88 -4.97 -18.00
N THR A 200 17.67 -5.51 -18.92
CA THR A 200 17.14 -5.82 -20.26
C THR A 200 17.21 -7.30 -20.64
N CYS A 201 17.82 -8.11 -19.79
CA CYS A 201 17.97 -9.53 -20.06
C CYS A 201 17.04 -10.35 -19.17
N VAL A 202 15.78 -10.45 -19.57
CA VAL A 202 14.76 -11.06 -18.72
C VAL A 202 14.65 -12.57 -18.84
N LEU A 203 14.64 -13.07 -20.07
CA LEU A 203 14.30 -14.49 -20.31
C LEU A 203 15.24 -15.54 -19.70
N PRO A 204 16.56 -15.32 -19.74
CA PRO A 204 17.42 -16.29 -19.06
C PRO A 204 17.08 -16.46 -17.58
N ILE A 205 16.82 -15.35 -16.89
CA ILE A 205 16.50 -15.37 -15.46
C ILE A 205 15.14 -16.04 -15.24
N LEU A 206 14.17 -15.66 -16.07
CA LEU A 206 12.84 -16.23 -16.01
C LEU A 206 12.87 -17.75 -16.23
N ASP A 207 13.62 -18.20 -17.22
CA ASP A 207 13.76 -19.64 -17.46
C ASP A 207 14.36 -20.32 -16.21
N ASN A 208 15.33 -19.68 -15.56
CA ASN A 208 15.95 -20.27 -14.39
C ASN A 208 15.02 -20.36 -13.17
N LEU A 209 14.15 -19.38 -13.03
CA LEU A 209 13.14 -19.45 -11.96
C LEU A 209 12.17 -20.62 -12.18
N LEU A 210 11.76 -20.84 -13.42
CA LEU A 210 10.93 -21.98 -13.78
C LEU A 210 11.64 -23.30 -13.45
N LYS A 211 12.88 -23.44 -13.93
CA LYS A 211 13.64 -24.67 -13.74
C LYS A 211 13.85 -24.99 -12.26
N ALA A 212 13.84 -23.96 -11.42
CA ALA A 212 14.04 -24.15 -9.99
C ALA A 212 12.72 -24.34 -9.25
N ASN A 213 11.62 -24.35 -10.00
CA ASN A 213 10.29 -24.43 -9.44
C ASN A 213 9.95 -23.31 -8.44
N VAL A 214 10.63 -22.16 -8.58
CA VAL A 214 10.26 -20.98 -7.80
C VAL A 214 9.00 -20.35 -8.40
N ILE A 215 8.84 -20.48 -9.71
CA ILE A 215 7.59 -20.11 -10.40
C ILE A 215 7.07 -21.32 -11.19
N ASN A 216 5.80 -21.29 -11.60
CA ASN A 216 5.24 -22.34 -12.46
C ASN A 216 5.07 -21.84 -13.90
N LYS A 217 4.56 -22.68 -14.80
CA LYS A 217 4.51 -22.32 -16.22
C LYS A 217 3.53 -21.19 -16.51
N GLN A 218 2.43 -21.16 -15.77
CA GLN A 218 1.45 -20.09 -15.89
C GLN A 218 2.14 -18.75 -15.60
N GLU A 219 2.97 -18.73 -14.56
CA GLU A 219 3.64 -17.50 -14.13
C GLU A 219 4.76 -17.13 -15.10
N HIS A 220 5.48 -18.15 -15.58
CA HIS A 220 6.46 -17.94 -16.63
C HIS A 220 5.82 -17.30 -17.86
N ASP A 221 4.64 -17.79 -18.25
CA ASP A 221 3.95 -17.29 -19.44
C ASP A 221 3.55 -15.83 -19.25
N ILE A 222 3.03 -15.52 -18.07
CA ILE A 222 2.60 -14.17 -17.75
C ILE A 222 3.72 -13.19 -18.02
N ILE A 223 4.92 -13.49 -17.53
CA ILE A 223 6.01 -12.54 -17.68
C ILE A 223 6.57 -12.51 -19.09
N LYS A 224 6.68 -13.68 -19.73
CA LYS A 224 7.28 -13.76 -21.06
C LYS A 224 6.42 -13.08 -22.13
N GLN A 225 5.11 -13.09 -21.93
CA GLN A 225 4.21 -12.57 -22.94
C GLN A 225 4.04 -11.04 -22.95
N LYS A 226 4.65 -10.34 -22.00
CA LYS A 226 4.60 -8.87 -22.02
C LYS A 226 5.26 -8.37 -23.31
N THR A 227 4.74 -7.29 -23.88
CA THR A 227 5.10 -6.92 -25.26
C THR A 227 6.36 -6.08 -25.44
N GLN A 228 6.89 -5.52 -24.36
CA GLN A 228 8.13 -4.74 -24.43
C GLN A 228 9.07 -5.19 -23.32
N ILE A 229 10.37 -5.11 -23.58
CA ILE A 229 11.36 -5.49 -22.60
C ILE A 229 11.09 -4.87 -21.21
N PRO A 230 10.93 -3.54 -21.13
CA PRO A 230 10.75 -2.95 -19.79
C PRO A 230 9.48 -3.42 -19.07
N LEU A 231 8.46 -3.81 -19.84
CA LEU A 231 7.23 -4.32 -19.26
C LEU A 231 7.46 -5.72 -18.68
N GLN A 232 8.21 -6.54 -19.42
CA GLN A 232 8.62 -7.84 -18.92
C GLN A 232 9.46 -7.69 -17.68
N ALA A 233 10.35 -6.71 -17.71
CA ALA A 233 11.36 -6.56 -16.65
C ALA A 233 10.72 -6.23 -15.31
N ARG A 234 9.79 -5.29 -15.30
CA ARG A 234 9.20 -4.91 -14.03
C ARG A 234 8.32 -6.03 -13.47
N GLU A 235 7.68 -6.79 -14.35
CA GLU A 235 6.92 -7.96 -13.90
C GLU A 235 7.85 -8.99 -13.27
N LEU A 236 9.01 -9.19 -13.90
CA LEU A 236 9.99 -10.15 -13.36
C LEU A 236 10.46 -9.70 -11.98
N ILE A 237 10.93 -8.46 -11.88
CA ILE A 237 11.43 -7.93 -10.62
C ILE A 237 10.40 -8.03 -9.48
N ASP A 238 9.19 -7.53 -9.73
CA ASP A 238 8.17 -7.58 -8.68
C ASP A 238 7.79 -9.02 -8.32
N THR A 239 7.77 -9.91 -9.30
CA THR A 239 7.48 -11.31 -9.01
C THR A 239 8.54 -11.85 -8.06
N ILE A 240 9.80 -11.50 -8.32
CA ILE A 240 10.90 -11.90 -7.42
C ILE A 240 10.68 -11.36 -6.00
N LEU A 241 10.34 -10.08 -5.88
CA LEU A 241 10.11 -9.48 -4.58
C LEU A 241 8.98 -10.18 -3.84
N VAL A 242 7.95 -10.59 -4.58
CA VAL A 242 6.84 -11.31 -3.96
C VAL A 242 7.21 -12.73 -3.55
N LYS A 243 7.92 -13.47 -4.40
CA LYS A 243 8.29 -14.85 -4.10
C LYS A 243 9.29 -14.98 -2.96
N GLY A 244 10.21 -14.02 -2.85
CA GLY A 244 11.09 -13.95 -1.68
C GLY A 244 12.50 -14.46 -1.88
N ASN A 245 13.08 -14.99 -0.82
CA ASN A 245 14.50 -15.34 -0.78
C ASN A 245 15.01 -16.30 -1.87
N ALA A 246 14.29 -17.39 -2.11
CA ALA A 246 14.76 -18.33 -3.14
C ALA A 246 14.78 -17.69 -4.53
N ALA A 247 13.78 -16.87 -4.84
CA ALA A 247 13.77 -16.16 -6.12
C ALA A 247 14.93 -15.16 -6.21
N ALA A 248 15.19 -14.44 -5.11
CA ALA A 248 16.28 -13.47 -5.12
C ALA A 248 17.63 -14.14 -5.35
N ASN A 249 17.79 -15.33 -4.81
CA ASN A 249 19.03 -16.08 -4.99
C ASN A 249 19.22 -16.52 -6.44
N ILE A 250 18.17 -17.02 -7.07
CA ILE A 250 18.23 -17.37 -8.50
C ILE A 250 18.55 -16.14 -9.35
N PHE A 251 17.87 -15.03 -9.05
CA PHE A 251 18.13 -13.79 -9.74
C PHE A 251 19.62 -13.43 -9.65
N LYS A 252 20.15 -13.38 -8.44
CA LYS A 252 21.55 -13.02 -8.27
C LYS A 252 22.49 -13.92 -9.06
N ASN A 253 22.36 -15.23 -8.88
CA ASN A 253 23.22 -16.17 -9.60
C ASN A 253 23.14 -16.07 -11.12
N SER A 254 21.94 -15.86 -11.63
CA SER A 254 21.73 -15.73 -13.07
C SER A 254 22.38 -14.44 -13.60
N LEU A 255 22.18 -13.35 -12.88
CA LEU A 255 22.68 -12.05 -13.33
C LEU A 255 24.19 -12.09 -13.55
N LYS A 256 24.91 -12.71 -12.62
CA LYS A 256 26.36 -12.86 -12.73
C LYS A 256 26.80 -13.32 -14.13
N GLU A 257 26.15 -14.36 -14.64
CA GLU A 257 26.53 -14.96 -15.91
C GLU A 257 26.05 -14.14 -17.10
N ILE A 258 25.02 -13.35 -16.88
CA ILE A 258 24.38 -12.57 -17.94
C ILE A 258 25.05 -11.22 -18.18
N ASP A 259 25.27 -10.47 -17.09
CA ASP A 259 25.80 -9.11 -17.18
C ASP A 259 26.66 -8.81 -15.97
N SER A 260 27.98 -8.92 -16.13
CA SER A 260 28.92 -8.79 -15.02
C SER A 260 28.91 -7.39 -14.42
N THR A 261 28.70 -6.41 -15.29
CA THR A 261 28.75 -5.02 -14.87
C THR A 261 27.56 -4.73 -13.96
N LEU A 262 26.37 -5.14 -14.37
CA LEU A 262 25.18 -4.92 -13.56
C LEU A 262 25.23 -5.67 -12.23
N TYR A 263 25.65 -6.93 -12.28
CA TYR A 263 25.84 -7.73 -11.08
C TYR A 263 26.73 -7.00 -10.09
N LYS A 264 27.87 -6.52 -10.59
CA LYS A 264 28.85 -5.80 -9.78
C LYS A 264 28.23 -4.57 -9.11
N ASN A 265 27.55 -3.76 -9.92
CA ASN A 265 26.89 -2.55 -9.43
C ASN A 265 25.89 -2.84 -8.31
N LEU A 266 25.13 -3.92 -8.47
CA LEU A 266 24.04 -4.21 -7.54
C LEU A 266 24.51 -4.96 -6.28
N PHE A 267 25.33 -5.99 -6.46
CA PHE A 267 25.67 -6.89 -5.36
C PHE A 267 27.06 -6.70 -4.76
N VAL A 268 27.94 -6.00 -5.46
CA VAL A 268 29.33 -5.90 -5.01
C VAL A 268 29.72 -4.48 -4.62
N ASP A 269 29.72 -3.57 -5.58
CA ASP A 269 29.97 -2.17 -5.30
C ASP A 269 28.75 -1.54 -4.66
N LYS A 270 27.58 -2.14 -4.87
CA LYS A 270 26.32 -1.61 -4.36
C LYS A 270 26.23 -0.11 -4.65
N ASN A 271 26.47 0.23 -5.92
CA ASN A 271 26.58 1.62 -6.35
C ASN A 271 25.67 1.96 -7.52
N MET A 272 24.52 1.29 -7.63
CA MET A 272 23.62 1.58 -8.73
C MET A 272 23.13 3.02 -8.66
N LYS A 273 23.03 3.64 -9.82
CA LYS A 273 22.53 5.00 -9.90
C LYS A 273 21.20 5.00 -10.64
N TYR A 274 20.20 5.63 -10.05
CA TYR A 274 18.91 5.74 -10.70
C TYR A 274 18.69 7.19 -11.17
N ILE A 275 18.00 7.35 -12.30
CA ILE A 275 17.62 8.67 -12.77
C ILE A 275 16.46 8.57 -13.74
N PRO A 276 15.30 9.13 -13.37
CA PRO A 276 14.11 9.07 -14.23
C PRO A 276 14.28 9.87 -15.51
N THR A 277 13.75 9.37 -16.63
CA THR A 277 13.81 10.07 -17.90
C THR A 277 12.87 11.27 -17.91
N GLU A 278 11.91 11.29 -16.99
CA GLU A 278 10.93 12.38 -16.92
C GLU A 278 10.22 12.41 -15.57
N ASP A 279 9.81 13.60 -15.16
CA ASP A 279 9.01 13.76 -13.95
C ASP A 279 7.53 13.62 -14.27
N VAL A 280 7.04 12.39 -14.19
CA VAL A 280 5.64 12.10 -14.45
C VAL A 280 4.75 12.81 -13.44
N SER A 281 5.36 13.39 -12.42
CA SER A 281 4.63 14.11 -11.38
C SER A 281 3.79 15.24 -11.95
N GLY A 282 4.08 15.63 -13.20
CA GLY A 282 3.35 16.68 -13.87
C GLY A 282 2.19 16.16 -14.72
N LEU A 283 2.17 14.87 -14.98
CA LEU A 283 1.11 14.26 -15.77
C LEU A 283 -0.17 14.12 -14.94
N SER A 284 -1.30 14.06 -15.61
CA SER A 284 -2.57 13.86 -14.93
C SER A 284 -2.57 12.56 -14.14
N LEU A 285 -3.50 12.45 -13.19
CA LEU A 285 -3.61 11.24 -12.40
C LEU A 285 -3.90 10.04 -13.31
N GLU A 286 -4.76 10.25 -14.31
CA GLU A 286 -5.14 9.19 -15.23
C GLU A 286 -3.94 8.64 -15.96
N GLU A 287 -3.09 9.54 -16.45
CA GLU A 287 -1.93 9.13 -17.23
C GLU A 287 -0.88 8.46 -16.36
N GLN A 288 -0.70 8.95 -15.13
CA GLN A 288 0.24 8.32 -14.21
C GLN A 288 -0.19 6.89 -13.93
N LEU A 289 -1.50 6.71 -13.71
CA LEU A 289 -2.01 5.36 -13.44
C LEU A 289 -1.97 4.45 -14.67
N ARG A 290 -2.20 5.03 -15.84
CA ARG A 290 -2.09 4.28 -17.09
C ARG A 290 -0.70 3.65 -17.19
N ARG A 291 0.32 4.47 -16.99
CA ARG A 291 1.70 4.01 -17.11
C ARG A 291 2.05 2.97 -16.06
N LEU A 292 1.62 3.23 -14.83
CA LEU A 292 1.91 2.35 -13.70
C LEU A 292 1.24 0.99 -13.86
N GLN A 293 0.10 0.98 -14.53
CA GLN A 293 -0.74 -0.22 -14.60
C GLN A 293 -0.49 -1.05 -15.86
N GLU A 294 0.10 -0.43 -16.88
CA GLU A 294 0.22 -1.03 -18.22
C GLU A 294 0.82 -2.46 -18.20
N GLU A 295 0.05 -3.41 -18.70
CA GLU A 295 0.45 -4.82 -18.76
C GLU A 295 1.03 -5.28 -17.42
N ARG A 296 0.39 -4.90 -16.34
CA ARG A 296 0.76 -5.42 -15.01
C ARG A 296 -0.27 -6.44 -14.56
N THR A 297 0.22 -7.58 -14.09
CA THR A 297 -0.64 -8.68 -13.65
C THR A 297 -0.58 -8.80 -12.14
N CYS A 298 -1.71 -9.13 -11.50
CA CYS A 298 -1.76 -9.34 -10.06
C CYS A 298 -0.70 -10.32 -9.62
N LYS A 299 0.13 -9.93 -8.66
CA LYS A 299 1.24 -10.79 -8.24
C LYS A 299 0.82 -11.91 -7.29
N VAL A 300 -0.41 -11.86 -6.81
CA VAL A 300 -0.92 -12.91 -5.92
C VAL A 300 -1.55 -14.05 -6.72
N CYS A 301 -2.50 -13.72 -7.59
CA CYS A 301 -3.14 -14.77 -8.38
C CYS A 301 -2.48 -15.02 -9.73
N MET A 302 -1.62 -14.09 -10.16
CA MET A 302 -0.93 -14.19 -11.46
C MET A 302 -1.89 -14.55 -12.58
N ASP A 303 -3.09 -13.96 -12.54
CA ASP A 303 -4.10 -14.23 -13.56
C ASP A 303 -4.73 -12.93 -14.04
N LYS A 304 -5.43 -12.27 -13.12
CA LYS A 304 -6.06 -10.98 -13.43
C LYS A 304 -5.09 -9.80 -13.45
N GLU A 305 -5.50 -8.74 -14.14
CA GLU A 305 -4.71 -7.52 -14.20
C GLU A 305 -4.66 -6.83 -12.83
N VAL A 306 -3.56 -6.12 -12.58
CA VAL A 306 -3.50 -5.24 -11.42
C VAL A 306 -4.60 -4.21 -11.55
N SER A 307 -5.31 -3.94 -10.46
CA SER A 307 -6.40 -2.98 -10.48
C SER A 307 -6.64 -2.35 -9.10
N VAL A 308 -5.58 -2.24 -8.32
CA VAL A 308 -5.67 -1.63 -6.99
C VAL A 308 -4.39 -0.88 -6.66
N VAL A 309 -4.52 0.28 -6.02
CA VAL A 309 -3.38 1.01 -5.48
C VAL A 309 -3.41 0.96 -3.95
N PHE A 310 -2.34 0.51 -3.30
CA PHE A 310 -2.31 0.49 -1.83
C PHE A 310 -2.12 1.89 -1.25
N ILE A 311 -2.87 2.21 -0.18
CA ILE A 311 -2.60 3.39 0.64
C ILE A 311 -1.87 2.96 1.91
N PRO A 312 -0.78 3.66 2.28
CA PRO A 312 -0.25 4.88 1.67
C PRO A 312 1.00 4.66 0.82
N CYS A 313 1.47 3.42 0.69
CA CYS A 313 2.72 3.19 -0.04
C CYS A 313 2.63 3.49 -1.54
N GLY A 314 1.42 3.46 -2.10
CA GLY A 314 1.21 3.82 -3.50
C GLY A 314 1.56 2.78 -4.56
N HIS A 315 1.81 1.53 -4.15
CA HIS A 315 2.25 0.51 -5.11
C HIS A 315 1.09 -0.20 -5.83
N LEU A 316 1.33 -0.62 -7.07
CA LEU A 316 0.33 -1.34 -7.86
C LEU A 316 0.77 -2.79 -8.02
N VAL A 317 0.14 -3.68 -7.26
CA VAL A 317 0.58 -5.07 -7.24
C VAL A 317 -0.51 -6.13 -7.34
N VAL A 318 -1.76 -5.77 -7.03
CA VAL A 318 -2.79 -6.81 -7.02
C VAL A 318 -4.09 -6.43 -7.72
N CYS A 319 -4.94 -7.43 -7.95
CA CYS A 319 -6.30 -7.20 -8.43
C CYS A 319 -7.22 -6.99 -7.23
N GLN A 320 -8.47 -6.65 -7.51
CA GLN A 320 -9.43 -6.36 -6.45
C GLN A 320 -9.78 -7.58 -5.59
N GLU A 321 -9.80 -8.77 -6.19
CA GLU A 321 -10.15 -9.97 -5.43
C GLU A 321 -9.05 -10.37 -4.45
N CYS A 322 -7.80 -10.11 -4.81
CA CYS A 322 -6.67 -10.53 -3.98
C CYS A 322 -6.27 -9.55 -2.87
N ALA A 323 -6.65 -8.29 -3.01
CA ALA A 323 -6.23 -7.27 -2.06
C ALA A 323 -6.66 -7.52 -0.60
N PRO A 324 -7.92 -7.94 -0.40
CA PRO A 324 -8.40 -8.10 0.98
C PRO A 324 -7.59 -9.13 1.77
N SER A 325 -6.92 -10.04 1.07
CA SER A 325 -6.17 -11.11 1.71
C SER A 325 -4.81 -10.66 2.26
N LEU A 326 -4.36 -9.46 1.89
CA LEU A 326 -3.05 -8.99 2.29
C LEU A 326 -3.09 -7.97 3.42
N ARG A 327 -2.27 -8.19 4.44
CA ARG A 327 -2.12 -7.22 5.53
C ARG A 327 -1.07 -6.19 5.13
N LYS A 328 -0.03 -6.65 4.44
CA LYS A 328 1.07 -5.76 4.07
C LYS A 328 1.38 -5.84 2.58
N CYS A 329 1.87 -4.73 2.03
CA CYS A 329 2.33 -4.68 0.64
C CYS A 329 3.45 -5.70 0.42
N PRO A 330 3.28 -6.60 -0.56
CA PRO A 330 4.28 -7.64 -0.83
C PRO A 330 5.60 -7.03 -1.33
N ILE A 331 5.53 -5.82 -1.89
CA ILE A 331 6.71 -5.16 -2.45
C ILE A 331 7.60 -4.47 -1.39
N CYS A 332 6.99 -3.62 -0.55
CA CYS A 332 7.75 -2.83 0.41
C CYS A 332 7.50 -3.22 1.88
N ARG A 333 6.60 -4.18 2.09
CA ARG A 333 6.25 -4.65 3.43
C ARG A 333 5.52 -3.61 4.28
N GLY A 334 5.10 -2.52 3.67
CA GLY A 334 4.34 -1.50 4.39
C GLY A 334 2.96 -1.98 4.79
N ILE A 335 2.53 -1.63 5.98
CA ILE A 335 1.17 -1.96 6.39
C ILE A 335 0.20 -1.25 5.44
N ILE A 336 -0.80 -1.98 4.94
CA ILE A 336 -1.79 -1.41 4.03
C ILE A 336 -2.90 -0.75 4.85
N LYS A 337 -3.15 0.53 4.60
CA LYS A 337 -4.19 1.22 5.36
C LYS A 337 -5.46 1.52 4.54
N GLY A 338 -5.46 1.13 3.27
CA GLY A 338 -6.59 1.36 2.39
C GLY A 338 -6.31 0.90 0.97
N THR A 339 -7.38 0.74 0.18
CA THR A 339 -7.21 0.29 -1.21
C THR A 339 -8.12 1.11 -2.11
N VAL A 340 -7.57 1.57 -3.23
CA VAL A 340 -8.32 2.36 -4.21
C VAL A 340 -8.20 1.72 -5.60
N ARG A 341 -9.29 1.73 -6.36
CA ARG A 341 -9.28 1.16 -7.72
C ARG A 341 -8.52 2.04 -8.72
N THR A 342 -7.87 1.42 -9.69
CA THR A 342 -6.98 2.12 -10.63
C THR A 342 -7.68 2.70 -11.87
N PHE A 343 -8.99 2.57 -11.96
CA PHE A 343 -9.68 2.99 -13.17
C PHE A 343 -10.86 3.89 -12.87
#